data_1DIA
#
_entry.id   1DIA
#
_cell.length_a   67.871
_cell.length_b   136.396
_cell.length_c   61.649
_cell.angle_alpha   90.00
_cell.angle_beta   90.00
_cell.angle_gamma   90.00
#
_symmetry.space_group_name_H-M   'P 21 21 21'
#
loop_
_entity.id
_entity.type
_entity.pdbx_description
1 polymer 'METHYLENETETRAHYDROFOLATE DEHYDROGENASE/CYCLOHYDROLASE'
2 non-polymer 'NADP NICOTINAMIDE-ADENINE-DINUCLEOTIDE PHOSPHATE'
3 non-polymer '[[[2-AMINO-5,6,7,8-TETRAHYDRO-4-HYDROXY-PYRIDO[2,3-D]PYRIMIDIN-6-YL]-ETHYL]-PHENYL]-CARBONYL-GLUTAMIC ACID'
4 water water
#
_entity_poly.entity_id   1
_entity_poly.type   'polypeptide(L)'
_entity_poly.pdbx_seq_one_letter_code
;MAPAEILNGKEISAQIRARLKNQVTQLKEQVPGFTPRLAILQVGNRDDSNLYINVKLKAAEEIGIKATHIKLPRTTTESE
VMKYITSLNEDSTVHGFLVQLPLDSENSINTEEVINAIAPEKDVDGLTSINAGRLARGDLNDCFIPCTPKGCLELIKETG
VPIAGRHAVVVGRSKIVGAPMHDLLLWNNATVTTCHSKTAHLDEEVNKGDILVVATGQPEMVKGEWIKPGAIVIDCGINY
VPDDKKPNGRKVVGDVAYDEAKERASFITPVPGGVGPMTVAMLMQSTVESAKRFLEKFKPGKWMIQ
;
_entity_poly.pdbx_strand_id   A,B
#
# COMPACT_ATOMS: atom_id res chain seq x y z
N ALA A 2 6.15 -34.08 -19.30
CA ALA A 2 7.17 -33.93 -18.22
C ALA A 2 7.36 -32.47 -17.78
N PRO A 3 7.49 -31.54 -18.74
CA PRO A 3 7.67 -30.15 -18.30
C PRO A 3 6.32 -29.50 -17.93
N ALA A 4 6.39 -28.34 -17.29
CA ALA A 4 5.20 -27.59 -16.86
C ALA A 4 4.42 -27.06 -18.05
N GLU A 5 3.11 -26.90 -17.88
CA GLU A 5 2.26 -26.35 -18.94
C GLU A 5 2.72 -24.92 -19.21
N ILE A 6 2.81 -24.56 -20.49
CA ILE A 6 3.25 -23.24 -20.90
C ILE A 6 2.06 -22.28 -20.95
N LEU A 7 2.20 -21.15 -20.26
CA LEU A 7 1.18 -20.11 -20.24
C LEU A 7 1.51 -19.15 -21.38
N ASN A 8 0.91 -19.41 -22.54
CA ASN A 8 1.15 -18.64 -23.75
C ASN A 8 0.53 -17.24 -23.75
N GLY A 9 1.29 -16.28 -23.23
CA GLY A 9 0.83 -14.91 -23.16
C GLY A 9 0.50 -14.26 -24.50
N LYS A 10 1.10 -14.72 -25.60
CA LYS A 10 0.78 -14.12 -26.90
C LYS A 10 -0.57 -14.60 -27.44
N GLU A 11 -0.95 -15.84 -27.12
CA GLU A 11 -2.23 -16.36 -27.58
C GLU A 11 -3.36 -15.78 -26.71
N ILE A 12 -3.10 -15.71 -25.40
CA ILE A 12 -4.08 -15.19 -24.44
C ILE A 12 -4.32 -13.70 -24.65
N SER A 13 -3.26 -12.95 -24.91
CA SER A 13 -3.40 -11.52 -25.14
C SER A 13 -4.11 -11.29 -26.47
N ALA A 14 -3.88 -12.19 -27.44
CA ALA A 14 -4.52 -12.10 -28.74
C ALA A 14 -6.04 -12.23 -28.57
N GLN A 15 -6.46 -13.11 -27.66
CA GLN A 15 -7.88 -13.32 -27.39
C GLN A 15 -8.47 -12.10 -26.68
N ILE A 16 -7.72 -11.52 -25.75
CA ILE A 16 -8.18 -10.33 -25.03
C ILE A 16 -8.33 -9.15 -26.00
N ARG A 17 -7.33 -8.94 -26.84
CA ARG A 17 -7.36 -7.85 -27.83
C ARG A 17 -8.55 -7.98 -28.77
N ALA A 18 -8.84 -9.21 -29.20
CA ALA A 18 -9.96 -9.47 -30.11
C ALA A 18 -11.27 -9.13 -29.42
N ARG A 19 -11.34 -9.42 -28.12
CA ARG A 19 -12.52 -9.16 -27.30
C ARG A 19 -12.72 -7.66 -27.17
N LEU A 20 -11.67 -6.97 -26.79
CA LEU A 20 -11.72 -5.52 -26.62
C LEU A 20 -12.09 -4.83 -27.93
N LYS A 21 -11.57 -5.35 -29.04
CA LYS A 21 -11.86 -4.79 -30.36
C LYS A 21 -13.35 -4.79 -30.63
N ASN A 22 -14.00 -5.93 -30.38
CA ASN A 22 -15.43 -6.06 -30.58
C ASN A 22 -16.21 -5.13 -29.66
N GLN A 23 -15.70 -4.95 -28.44
CA GLN A 23 -16.35 -4.07 -27.47
C GLN A 23 -16.29 -2.63 -27.93
N VAL A 24 -15.13 -2.24 -28.50
CA VAL A 24 -14.94 -0.89 -29.00
C VAL A 24 -15.83 -0.66 -30.22
N THR A 25 -15.93 -1.66 -31.09
CA THR A 25 -16.75 -1.58 -32.29
C THR A 25 -18.23 -1.37 -31.92
N GLN A 26 -18.70 -2.04 -30.88
CA GLN A 26 -20.09 -1.93 -30.43
C GLN A 26 -20.37 -0.58 -29.79
N LEU A 27 -19.40 -0.07 -29.05
CA LEU A 27 -19.53 1.20 -28.38
C LEU A 27 -19.72 2.31 -29.42
N LYS A 28 -19.00 2.19 -30.52
CA LYS A 28 -19.07 3.15 -31.62
C LYS A 28 -20.41 3.07 -32.34
N GLU A 29 -21.02 1.88 -32.33
CA GLU A 29 -22.32 1.65 -32.96
C GLU A 29 -23.44 2.17 -32.07
N GLN A 30 -23.17 2.27 -30.77
CA GLN A 30 -24.15 2.78 -29.82
C GLN A 30 -24.10 4.30 -29.86
N VAL A 31 -22.88 4.85 -29.89
CA VAL A 31 -22.65 6.28 -29.94
C VAL A 31 -21.71 6.58 -31.12
N PRO A 32 -22.28 6.74 -32.34
CA PRO A 32 -21.45 7.03 -33.52
C PRO A 32 -20.70 8.34 -33.36
N GLY A 33 -19.43 8.33 -33.77
CA GLY A 33 -18.59 9.51 -33.67
C GLY A 33 -17.71 9.47 -32.43
N PHE A 34 -18.19 8.78 -31.38
CA PHE A 34 -17.42 8.65 -30.16
C PHE A 34 -16.23 7.76 -30.41
N THR A 35 -15.06 8.19 -29.92
CA THR A 35 -13.84 7.42 -30.10
C THR A 35 -12.99 7.39 -28.84
N PRO A 36 -12.76 6.19 -28.29
CA PRO A 36 -11.94 6.04 -27.08
C PRO A 36 -10.55 6.54 -27.45
N ARG A 37 -10.01 7.44 -26.65
CA ARG A 37 -8.69 7.99 -26.94
C ARG A 37 -7.68 7.84 -25.81
N LEU A 38 -6.50 7.38 -26.17
CA LEU A 38 -5.39 7.19 -25.24
C LEU A 38 -4.22 8.06 -25.68
N ALA A 39 -3.48 8.61 -24.73
CA ALA A 39 -2.31 9.43 -25.05
C ALA A 39 -1.08 8.95 -24.28
N ILE A 40 0.05 8.89 -24.97
CA ILE A 40 1.32 8.47 -24.38
C ILE A 40 2.30 9.63 -24.43
N LEU A 41 2.74 10.07 -23.25
CA LEU A 41 3.68 11.17 -23.17
C LEU A 41 5.08 10.64 -22.91
N GLN A 42 6.02 11.00 -23.78
CA GLN A 42 7.39 10.57 -23.64
C GLN A 42 8.34 11.77 -23.51
N VAL A 43 9.35 11.63 -22.67
CA VAL A 43 10.37 12.66 -22.48
C VAL A 43 11.69 12.00 -22.87
N GLY A 44 12.34 12.54 -23.89
CA GLY A 44 13.60 11.96 -24.34
C GLY A 44 13.45 11.15 -25.61
N ASN A 45 14.36 10.21 -25.83
CA ASN A 45 14.31 9.41 -27.05
C ASN A 45 14.98 8.05 -26.88
N ARG A 46 14.70 7.38 -25.76
CA ARG A 46 15.28 6.06 -25.51
C ARG A 46 14.81 5.06 -26.55
N ASP A 47 15.75 4.29 -27.11
CA ASP A 47 15.42 3.30 -28.13
C ASP A 47 14.41 2.27 -27.62
N ASP A 48 14.60 1.77 -26.41
CA ASP A 48 13.68 0.78 -25.86
C ASP A 48 12.28 1.35 -25.62
N SER A 49 12.22 2.61 -25.16
CA SER A 49 10.94 3.27 -24.91
C SER A 49 10.20 3.48 -26.22
N ASN A 50 10.95 3.76 -27.28
CA ASN A 50 10.37 3.97 -28.60
C ASN A 50 9.67 2.72 -29.10
N LEU A 51 10.33 1.57 -28.97
CA LEU A 51 9.77 0.29 -29.40
C LEU A 51 8.57 -0.11 -28.55
N TYR A 52 8.65 0.17 -27.25
CA TYR A 52 7.57 -0.16 -26.32
C TYR A 52 6.31 0.64 -26.64
N ILE A 53 6.52 1.91 -26.99
CA ILE A 53 5.44 2.80 -27.35
C ILE A 53 4.82 2.35 -28.68
N ASN A 54 5.67 2.00 -29.65
CA ASN A 54 5.17 1.53 -30.96
C ASN A 54 4.24 0.33 -30.79
N VAL A 55 4.63 -0.61 -29.92
CA VAL A 55 3.83 -1.79 -29.65
C VAL A 55 2.47 -1.40 -29.08
N LYS A 56 2.48 -0.45 -28.13
CA LYS A 56 1.25 0.03 -27.52
C LYS A 56 0.38 0.74 -28.53
N LEU A 57 1.02 1.50 -29.43
CA LEU A 57 0.29 2.22 -30.48
C LEU A 57 -0.34 1.23 -31.45
N LYS A 58 0.43 0.19 -31.82
CA LYS A 58 -0.04 -0.84 -32.73
C LYS A 58 -1.24 -1.64 -32.20
N ALA A 59 -1.23 -1.93 -30.90
CA ALA A 59 -2.32 -2.69 -30.26
C ALA A 59 -3.57 -1.82 -30.16
N ALA A 60 -3.38 -0.52 -29.93
CA ALA A 60 -4.50 0.42 -29.83
C ALA A 60 -5.22 0.55 -31.17
N GLU A 61 -4.45 0.75 -32.24
CA GLU A 61 -5.00 0.89 -33.59
C GLU A 61 -5.83 -0.33 -33.98
N GLU A 62 -5.28 -1.51 -33.74
CA GLU A 62 -5.95 -2.77 -34.07
C GLU A 62 -7.23 -3.03 -33.28
N ILE A 63 -7.34 -2.39 -32.12
CA ILE A 63 -8.53 -2.54 -31.27
C ILE A 63 -9.55 -1.45 -31.61
N GLY A 64 -9.08 -0.36 -32.19
CA GLY A 64 -9.99 0.72 -32.55
C GLY A 64 -9.87 1.94 -31.66
N ILE A 65 -8.85 1.95 -30.80
CA ILE A 65 -8.61 3.07 -29.90
C ILE A 65 -7.71 4.10 -30.60
N LYS A 66 -8.03 5.38 -30.43
CA LYS A 66 -7.23 6.46 -31.00
C LYS A 66 -6.08 6.79 -30.03
N ALA A 67 -4.85 6.51 -30.45
CA ALA A 67 -3.68 6.76 -29.61
C ALA A 67 -2.80 7.89 -30.13
N THR A 68 -2.45 8.81 -29.23
CA THR A 68 -1.63 9.96 -29.56
C THR A 68 -0.30 9.83 -28.84
N HIS A 69 0.79 10.04 -29.56
CA HIS A 69 2.11 9.97 -28.97
C HIS A 69 2.78 11.34 -28.99
N ILE A 70 3.11 11.83 -27.80
CA ILE A 70 3.79 13.11 -27.66
C ILE A 70 5.20 12.80 -27.16
N LYS A 71 6.20 13.24 -27.91
CA LYS A 71 7.59 13.02 -27.55
C LYS A 71 8.28 14.36 -27.26
N LEU A 72 8.69 14.56 -26.02
CA LEU A 72 9.36 15.80 -25.63
C LEU A 72 10.89 15.61 -25.71
N PRO A 73 11.62 16.69 -26.01
CA PRO A 73 13.08 16.63 -26.10
C PRO A 73 13.78 16.36 -24.76
N ARG A 74 15.05 15.96 -24.83
CA ARG A 74 15.82 15.68 -23.62
C ARG A 74 16.09 16.91 -22.76
N THR A 75 15.90 18.10 -23.33
CA THR A 75 16.11 19.37 -22.63
C THR A 75 14.90 19.75 -21.77
N THR A 76 13.83 18.95 -21.85
CA THR A 76 12.59 19.21 -21.12
C THR A 76 12.77 19.33 -19.60
N THR A 77 12.05 20.27 -19.01
CA THR A 77 12.09 20.50 -17.57
C THR A 77 10.86 19.88 -16.93
N GLU A 78 10.86 19.77 -15.61
CA GLU A 78 9.72 19.22 -14.90
C GLU A 78 8.53 20.14 -15.10
N SER A 79 8.81 21.44 -15.13
CA SER A 79 7.80 22.47 -15.32
C SER A 79 7.05 22.31 -16.65
N GLU A 80 7.80 22.03 -17.71
CA GLU A 80 7.22 21.82 -19.04
C GLU A 80 6.38 20.54 -19.13
N VAL A 81 6.88 19.48 -18.50
CA VAL A 81 6.17 18.19 -18.47
C VAL A 81 4.83 18.40 -17.77
N MET A 82 4.84 19.24 -16.73
CA MET A 82 3.64 19.55 -15.95
C MET A 82 2.61 20.28 -16.79
N LYS A 83 3.06 21.06 -17.77
CA LYS A 83 2.15 21.80 -18.64
C LYS A 83 1.42 20.84 -19.60
N TYR A 84 2.12 19.82 -20.08
CA TYR A 84 1.47 18.86 -20.97
C TYR A 84 0.51 17.99 -20.19
N ILE A 85 0.89 17.62 -18.97
CA ILE A 85 0.05 16.78 -18.13
C ILE A 85 -1.26 17.49 -17.83
N THR A 86 -1.17 18.78 -17.50
CA THR A 86 -2.35 19.58 -17.20
C THR A 86 -3.23 19.69 -18.46
N SER A 87 -2.59 19.83 -19.61
CA SER A 87 -3.32 19.94 -20.87
C SER A 87 -4.11 18.67 -21.12
N LEU A 88 -3.47 17.52 -20.87
CA LEU A 88 -4.07 16.21 -21.06
C LEU A 88 -5.19 15.90 -20.06
N ASN A 89 -5.08 16.46 -18.85
CA ASN A 89 -6.12 16.29 -17.83
C ASN A 89 -7.35 17.05 -18.25
N GLU A 90 -7.13 18.19 -18.91
CA GLU A 90 -8.20 19.06 -19.35
C GLU A 90 -8.79 18.75 -20.72
N ASP A 91 -8.06 17.98 -21.53
CA ASP A 91 -8.53 17.61 -22.87
C ASP A 91 -9.60 16.52 -22.79
N SER A 92 -10.86 16.94 -22.83
CA SER A 92 -12.00 16.03 -22.76
C SER A 92 -12.02 14.87 -23.75
N THR A 93 -11.33 15.00 -24.89
CA THR A 93 -11.30 13.93 -25.88
C THR A 93 -10.36 12.77 -25.48
N VAL A 94 -9.43 13.07 -24.58
CA VAL A 94 -8.47 12.07 -24.07
C VAL A 94 -9.05 11.44 -22.82
N HIS A 95 -9.40 10.15 -22.92
CA HIS A 95 -10.00 9.41 -21.80
C HIS A 95 -8.97 8.79 -20.86
N GLY A 96 -7.81 8.46 -21.42
CA GLY A 96 -6.76 7.86 -20.61
C GLY A 96 -5.39 8.14 -21.16
N PHE A 97 -4.47 8.58 -20.29
CA PHE A 97 -3.10 8.85 -20.73
C PHE A 97 -2.06 8.30 -19.75
N LEU A 98 -0.81 8.24 -20.23
CA LEU A 98 0.28 7.72 -19.42
C LEU A 98 1.61 8.35 -19.77
N VAL A 99 2.50 8.43 -18.78
CA VAL A 99 3.84 8.95 -19.00
C VAL A 99 4.76 7.73 -19.10
N GLN A 100 5.45 7.60 -20.23
CA GLN A 100 6.37 6.50 -20.47
C GLN A 100 7.57 6.64 -19.54
N LEU A 101 7.93 5.53 -18.89
CA LEU A 101 9.05 5.55 -17.95
C LEU A 101 10.16 4.61 -18.41
N PRO A 102 11.42 4.93 -18.08
CA PRO A 102 11.86 6.10 -17.32
C PRO A 102 11.99 7.37 -18.16
N LEU A 103 11.84 8.53 -17.52
CA LEU A 103 11.95 9.82 -18.22
C LEU A 103 13.39 9.99 -18.66
N ASP A 104 13.60 10.41 -19.90
CA ASP A 104 14.94 10.61 -20.42
C ASP A 104 15.22 12.09 -20.66
N SER A 105 15.70 12.77 -19.63
CA SER A 105 16.00 14.19 -19.67
C SER A 105 17.36 14.51 -19.03
N GLU A 106 17.94 15.65 -19.41
CA GLU A 106 19.23 16.06 -18.86
C GLU A 106 19.04 16.84 -17.55
N ASN A 107 17.79 17.11 -17.20
CA ASN A 107 17.48 17.81 -15.96
C ASN A 107 16.85 16.85 -14.97
N SER A 108 16.86 17.22 -13.69
CA SER A 108 16.26 16.41 -12.65
C SER A 108 14.78 16.67 -12.74
N ILE A 109 14.00 15.59 -12.84
CA ILE A 109 12.55 15.70 -12.88
C ILE A 109 12.03 14.67 -11.86
N ASN A 110 11.31 15.15 -10.86
CA ASN A 110 10.75 14.26 -9.86
C ASN A 110 9.64 13.46 -10.52
N THR A 111 9.91 12.17 -10.74
CA THR A 111 8.97 11.29 -11.39
C THR A 111 7.64 11.12 -10.64
N GLU A 112 7.70 11.04 -9.32
CA GLU A 112 6.47 10.88 -8.56
C GLU A 112 5.57 12.11 -8.66
N GLU A 113 6.15 13.30 -8.65
CA GLU A 113 5.38 14.54 -8.75
C GLU A 113 4.69 14.66 -10.10
N VAL A 114 5.42 14.25 -11.14
CA VAL A 114 4.93 14.26 -12.51
C VAL A 114 3.77 13.26 -12.66
N ILE A 115 3.97 12.04 -12.16
CA ILE A 115 2.94 11.00 -12.21
C ILE A 115 1.72 11.36 -11.37
N ASN A 116 1.95 11.98 -10.22
CA ASN A 116 0.86 12.36 -9.35
C ASN A 116 0.05 13.56 -9.81
N ALA A 117 0.50 14.19 -10.90
CA ALA A 117 -0.22 15.34 -11.47
C ALA A 117 -1.34 14.84 -12.38
N ILE A 118 -1.24 13.58 -12.79
CA ILE A 118 -2.23 12.95 -13.65
C ILE A 118 -3.55 12.75 -12.93
N ALA A 119 -4.66 13.07 -13.60
CA ALA A 119 -5.99 12.90 -13.03
C ALA A 119 -6.25 11.40 -12.93
N PRO A 120 -6.56 10.90 -11.71
CA PRO A 120 -6.82 9.49 -11.43
C PRO A 120 -7.80 8.78 -12.35
N GLU A 121 -8.74 9.53 -12.93
CA GLU A 121 -9.73 8.96 -13.84
C GLU A 121 -9.10 8.61 -15.18
N LYS A 122 -7.94 9.19 -15.46
CA LYS A 122 -7.24 8.94 -16.72
C LYS A 122 -5.93 8.19 -16.52
N ASP A 123 -5.64 7.84 -15.26
CA ASP A 123 -4.42 7.13 -14.91
C ASP A 123 -4.53 5.64 -15.26
N VAL A 124 -4.58 5.34 -16.56
CA VAL A 124 -4.68 3.96 -17.04
C VAL A 124 -3.49 3.06 -16.66
N ASP A 125 -2.39 3.68 -16.22
CA ASP A 125 -1.21 2.94 -15.79
C ASP A 125 -1.29 2.64 -14.29
N GLY A 126 -2.24 3.29 -13.60
CA GLY A 126 -2.45 3.09 -12.17
C GLY A 126 -1.26 3.43 -11.29
N LEU A 127 -0.48 4.42 -11.71
CA LEU A 127 0.72 4.83 -10.98
C LEU A 127 0.57 6.01 -10.02
N THR A 128 -0.58 6.65 -10.02
CA THR A 128 -0.81 7.77 -9.10
C THR A 128 -0.92 7.24 -7.68
N SER A 129 -0.58 8.08 -6.71
CA SER A 129 -0.65 7.68 -5.30
C SER A 129 -2.09 7.35 -4.88
N ILE A 130 -3.06 7.93 -5.58
CA ILE A 130 -4.46 7.70 -5.29
C ILE A 130 -4.86 6.28 -5.68
N ASN A 131 -4.52 5.88 -6.91
CA ASN A 131 -4.83 4.53 -7.37
C ASN A 131 -4.02 3.49 -6.59
N ALA A 132 -2.76 3.81 -6.31
CA ALA A 132 -1.89 2.91 -5.56
C ALA A 132 -2.43 2.69 -4.15
N GLY A 133 -2.96 3.77 -3.57
CA GLY A 133 -3.50 3.73 -2.22
C GLY A 133 -4.78 2.92 -2.10
N ARG A 134 -5.59 2.95 -3.15
CA ARG A 134 -6.84 2.21 -3.20
C ARG A 134 -6.55 0.71 -3.35
N LEU A 135 -5.62 0.39 -4.24
CA LEU A 135 -5.21 -1.00 -4.46
C LEU A 135 -4.52 -1.52 -3.21
N ALA A 136 -3.69 -0.69 -2.60
CA ALA A 136 -2.94 -1.08 -1.41
C ALA A 136 -3.83 -1.39 -0.21
N ARG A 137 -5.03 -0.81 -0.15
CA ARG A 137 -5.91 -1.03 0.98
C ARG A 137 -7.11 -1.92 0.68
N GLY A 138 -7.18 -2.46 -0.53
CA GLY A 138 -8.25 -3.34 -0.91
C GLY A 138 -9.46 -2.76 -1.63
N ASP A 139 -9.43 -1.47 -1.96
CA ASP A 139 -10.55 -0.82 -2.65
C ASP A 139 -10.38 -0.96 -4.16
N LEU A 140 -10.70 -2.15 -4.67
CA LEU A 140 -10.59 -2.48 -6.10
C LEU A 140 -11.76 -2.05 -7.00
N ASN A 141 -12.79 -1.45 -6.41
CA ASN A 141 -13.95 -1.00 -7.18
C ASN A 141 -13.66 0.30 -7.92
N ASP A 142 -12.84 1.12 -7.29
CA ASP A 142 -12.53 2.45 -7.79
C ASP A 142 -11.17 2.76 -8.39
N CYS A 143 -10.34 1.76 -8.67
CA CYS A 143 -9.01 2.08 -9.20
C CYS A 143 -8.50 1.36 -10.44
N PHE A 144 -7.45 1.95 -11.00
CA PHE A 144 -6.74 1.40 -12.16
C PHE A 144 -5.55 0.66 -11.57
N ILE A 145 -5.38 -0.59 -11.99
CA ILE A 145 -4.28 -1.39 -11.51
C ILE A 145 -3.16 -1.37 -12.55
N PRO A 146 -1.88 -1.33 -12.11
CA PRO A 146 -0.76 -1.30 -13.06
C PRO A 146 -0.89 -2.45 -14.05
N CYS A 147 -0.59 -2.16 -15.33
CA CYS A 147 -0.71 -3.14 -16.39
C CYS A 147 0.06 -4.46 -16.27
N THR A 148 1.24 -4.44 -15.65
CA THR A 148 2.03 -5.66 -15.48
C THR A 148 1.42 -6.61 -14.43
N PRO A 149 1.10 -6.11 -13.22
CA PRO A 149 0.49 -6.98 -12.21
C PRO A 149 -0.84 -7.56 -12.72
N LYS A 150 -1.59 -6.75 -13.49
CA LYS A 150 -2.85 -7.15 -14.08
C LYS A 150 -2.69 -8.33 -15.04
N GLY A 151 -1.67 -8.23 -15.88
CA GLY A 151 -1.39 -9.28 -16.85
C GLY A 151 -0.99 -10.56 -16.17
N CYS A 152 -0.25 -10.42 -15.07
CA CYS A 152 0.22 -11.55 -14.28
C CYS A 152 -0.96 -12.25 -13.63
N LEU A 153 -1.88 -11.47 -13.05
CA LEU A 153 -3.06 -12.03 -12.40
C LEU A 153 -3.88 -12.81 -13.41
N GLU A 154 -4.04 -12.23 -14.59
CA GLU A 154 -4.77 -12.87 -15.68
C GLU A 154 -4.11 -14.21 -16.05
N LEU A 155 -2.78 -14.22 -16.08
CA LEU A 155 -2.01 -15.42 -16.42
C LEU A 155 -2.19 -16.50 -15.36
N ILE A 156 -2.25 -16.08 -14.10
CA ILE A 156 -2.44 -17.00 -12.99
C ILE A 156 -3.81 -17.67 -13.06
N LYS A 157 -4.82 -16.89 -13.46
CA LYS A 157 -6.20 -17.40 -13.58
C LYS A 157 -6.37 -18.38 -14.73
N GLU A 158 -5.49 -18.29 -15.73
CA GLU A 158 -5.52 -19.19 -16.88
C GLU A 158 -5.14 -20.61 -16.50
N THR A 159 -4.59 -20.76 -15.29
CA THR A 159 -4.21 -22.09 -14.83
C THR A 159 -5.48 -22.76 -14.28
N GLY A 160 -6.47 -21.93 -13.94
CA GLY A 160 -7.71 -22.44 -13.40
C GLY A 160 -7.66 -22.76 -11.93
N VAL A 161 -6.48 -22.64 -11.33
CA VAL A 161 -6.27 -22.90 -9.90
C VAL A 161 -6.60 -21.66 -9.05
N PRO A 162 -7.52 -21.79 -8.06
CA PRO A 162 -7.93 -20.68 -7.18
C PRO A 162 -6.77 -20.10 -6.40
N ILE A 163 -6.75 -18.79 -6.28
CA ILE A 163 -5.70 -18.07 -5.56
C ILE A 163 -5.87 -18.09 -4.03
N ALA A 164 -7.12 -18.04 -3.57
CA ALA A 164 -7.42 -18.01 -2.14
C ALA A 164 -6.80 -19.14 -1.33
N GLY A 165 -6.10 -18.78 -0.26
CA GLY A 165 -5.48 -19.77 0.60
C GLY A 165 -4.07 -20.17 0.22
N ARG A 166 -3.68 -19.92 -1.02
CA ARG A 166 -2.34 -20.27 -1.49
C ARG A 166 -1.29 -19.34 -0.89
N HIS A 167 -0.07 -19.86 -0.72
CA HIS A 167 1.02 -19.05 -0.22
C HIS A 167 1.70 -18.52 -1.47
N ALA A 168 1.62 -17.22 -1.67
CA ALA A 168 2.23 -16.58 -2.84
C ALA A 168 3.54 -15.90 -2.45
N VAL A 169 4.48 -15.88 -3.38
CA VAL A 169 5.76 -15.23 -3.16
C VAL A 169 6.04 -14.28 -4.33
N VAL A 170 6.27 -13.00 -3.99
CA VAL A 170 6.56 -11.98 -4.99
C VAL A 170 8.01 -11.57 -4.78
N VAL A 171 8.86 -11.86 -5.75
CA VAL A 171 10.27 -11.48 -5.66
C VAL A 171 10.44 -10.13 -6.35
N GLY A 172 10.53 -9.06 -5.55
CA GLY A 172 10.65 -7.72 -6.09
C GLY A 172 9.54 -6.88 -5.50
N ARG A 173 9.79 -5.59 -5.28
CA ARG A 173 8.80 -4.70 -4.67
C ARG A 173 8.64 -3.31 -5.30
N SER A 174 9.00 -3.16 -6.57
CA SER A 174 8.88 -1.86 -7.23
C SER A 174 7.43 -1.39 -7.39
N LYS A 175 7.28 -0.08 -7.61
CA LYS A 175 5.99 0.58 -7.79
C LYS A 175 5.27 0.12 -9.03
N ILE A 176 6.03 -0.26 -10.04
CA ILE A 176 5.51 -0.72 -11.33
C ILE A 176 5.05 -2.17 -11.34
N VAL A 177 5.75 -3.04 -10.62
CA VAL A 177 5.40 -4.45 -10.61
C VAL A 177 5.24 -5.11 -9.23
N GLY A 178 6.35 -5.29 -8.53
CA GLY A 178 6.35 -5.94 -7.23
C GLY A 178 5.36 -5.53 -6.16
N ALA A 179 5.31 -4.23 -5.84
CA ALA A 179 4.39 -3.75 -4.82
C ALA A 179 2.93 -3.97 -5.22
N PRO A 180 2.51 -3.48 -6.40
CA PRO A 180 1.11 -3.71 -6.77
C PRO A 180 0.76 -5.20 -6.96
N MET A 181 1.76 -6.00 -7.32
CA MET A 181 1.55 -7.44 -7.52
C MET A 181 1.23 -8.13 -6.21
N HIS A 182 1.89 -7.68 -5.16
CA HIS A 182 1.66 -8.22 -3.82
C HIS A 182 0.22 -7.93 -3.46
N ASP A 183 -0.18 -6.68 -3.65
CA ASP A 183 -1.53 -6.21 -3.34
C ASP A 183 -2.61 -7.01 -4.05
N LEU A 184 -2.44 -7.25 -5.35
CA LEU A 184 -3.40 -8.02 -6.13
C LEU A 184 -3.55 -9.44 -5.60
N LEU A 185 -2.44 -10.04 -5.21
CA LEU A 185 -2.47 -11.39 -4.68
C LEU A 185 -3.12 -11.39 -3.32
N LEU A 186 -2.75 -10.43 -2.48
CA LEU A 186 -3.30 -10.31 -1.13
C LEU A 186 -4.81 -10.13 -1.14
N TRP A 187 -5.30 -9.25 -2.01
CA TRP A 187 -6.72 -9.01 -2.09
C TRP A 187 -7.48 -10.09 -2.84
N ASN A 188 -6.73 -11.03 -3.39
CA ASN A 188 -7.32 -12.19 -4.05
C ASN A 188 -7.23 -13.38 -3.09
N ASN A 189 -7.01 -13.04 -1.82
CA ASN A 189 -6.92 -13.94 -0.69
C ASN A 189 -5.80 -14.96 -0.57
N ALA A 190 -4.64 -14.64 -1.12
CA ALA A 190 -3.48 -15.51 -1.00
C ALA A 190 -2.69 -15.01 0.21
N THR A 191 -1.83 -15.85 0.77
CA THR A 191 -0.97 -15.44 1.88
C THR A 191 0.27 -15.01 1.10
N VAL A 192 0.66 -13.75 1.21
CA VAL A 192 1.78 -13.25 0.43
C VAL A 192 3.08 -12.90 1.12
N THR A 193 4.18 -13.35 0.54
CA THR A 193 5.51 -13.04 1.05
C THR A 193 6.18 -12.17 -0.02
N THR A 194 6.72 -11.02 0.39
CA THR A 194 7.40 -10.15 -0.55
C THR A 194 8.89 -10.12 -0.25
N CYS A 195 9.68 -10.49 -1.25
CA CYS A 195 11.13 -10.52 -1.16
C CYS A 195 11.75 -9.36 -1.93
N HIS A 196 12.96 -8.99 -1.53
CA HIS A 196 13.70 -7.90 -2.16
C HIS A 196 15.20 -8.17 -2.09
N SER A 197 16.02 -7.16 -2.37
CA SER A 197 17.48 -7.34 -2.36
C SER A 197 18.06 -7.57 -0.98
N LYS A 198 17.29 -7.22 0.05
CA LYS A 198 17.76 -7.41 1.41
C LYS A 198 17.25 -8.70 2.01
N THR A 199 16.64 -9.53 1.18
CA THR A 199 16.11 -10.79 1.66
C THR A 199 17.23 -11.81 1.83
N ALA A 200 17.29 -12.40 3.02
CA ALA A 200 18.28 -13.42 3.34
C ALA A 200 17.64 -14.77 3.01
N HIS A 201 18.46 -15.74 2.60
CA HIS A 201 17.96 -17.07 2.25
C HIS A 201 16.79 -16.99 1.27
N LEU A 202 17.00 -16.29 0.15
CA LEU A 202 15.97 -16.12 -0.87
C LEU A 202 15.48 -17.45 -1.43
N ASP A 203 16.37 -18.43 -1.50
CA ASP A 203 16.02 -19.74 -2.03
C ASP A 203 14.99 -20.47 -1.16
N GLU A 204 15.03 -20.21 0.14
CA GLU A 204 14.11 -20.82 1.09
C GLU A 204 12.76 -20.11 1.05
N GLU A 205 12.78 -18.83 0.72
CA GLU A 205 11.54 -18.04 0.62
C GLU A 205 10.79 -18.44 -0.65
N VAL A 206 11.50 -18.51 -1.77
CA VAL A 206 10.92 -18.89 -3.05
C VAL A 206 10.33 -20.30 -3.04
N ASN A 207 10.91 -21.18 -2.22
CA ASN A 207 10.46 -22.56 -2.11
C ASN A 207 9.10 -22.73 -1.42
N LYS A 208 8.62 -21.68 -0.75
CA LYS A 208 7.32 -21.69 -0.06
C LYS A 208 6.17 -21.30 -0.97
N GLY A 209 6.48 -20.78 -2.15
CA GLY A 209 5.43 -20.33 -3.06
C GLY A 209 4.70 -21.28 -3.98
N ASP A 210 3.38 -21.37 -3.79
CA ASP A 210 2.50 -22.18 -4.64
C ASP A 210 2.33 -21.34 -5.91
N ILE A 211 2.41 -20.02 -5.72
CA ILE A 211 2.33 -19.05 -6.80
C ILE A 211 3.62 -18.24 -6.64
N LEU A 212 4.36 -18.08 -7.73
CA LEU A 212 5.62 -17.33 -7.69
C LEU A 212 5.67 -16.30 -8.80
N VAL A 213 5.80 -15.04 -8.42
CA VAL A 213 5.92 -13.96 -9.40
C VAL A 213 7.28 -13.33 -9.19
N VAL A 214 8.10 -13.32 -10.24
CA VAL A 214 9.44 -12.74 -10.15
C VAL A 214 9.58 -11.52 -11.04
N ALA A 215 10.01 -10.42 -10.44
CA ALA A 215 10.20 -9.15 -11.13
C ALA A 215 11.38 -8.43 -10.48
N THR A 216 12.58 -8.89 -10.82
CA THR A 216 13.82 -8.36 -10.25
C THR A 216 14.73 -7.68 -11.26
N GLY A 217 14.79 -8.23 -12.48
CA GLY A 217 15.63 -7.66 -13.50
C GLY A 217 17.04 -8.22 -13.45
N GLN A 218 17.20 -9.37 -12.78
CA GLN A 218 18.48 -10.05 -12.67
C GLN A 218 18.32 -11.32 -13.50
N PRO A 219 19.06 -11.43 -14.61
CA PRO A 219 19.01 -12.59 -15.50
C PRO A 219 19.09 -13.98 -14.85
N GLU A 220 18.02 -14.73 -15.04
CA GLU A 220 17.89 -16.10 -14.53
C GLU A 220 18.42 -16.34 -13.13
N MET A 221 18.30 -15.35 -12.27
CA MET A 221 18.77 -15.45 -10.89
C MET A 221 18.01 -16.46 -10.03
N VAL A 222 16.69 -16.55 -10.22
CA VAL A 222 15.87 -17.51 -9.48
C VAL A 222 16.09 -18.89 -10.08
N LYS A 223 16.76 -19.76 -9.34
CA LYS A 223 17.05 -21.11 -9.83
C LYS A 223 15.85 -22.06 -9.78
N GLY A 224 15.83 -23.01 -10.69
CA GLY A 224 14.75 -23.98 -10.76
C GLY A 224 14.67 -24.88 -9.54
N GLU A 225 15.80 -25.02 -8.84
CA GLU A 225 15.89 -25.83 -7.63
C GLU A 225 15.01 -25.26 -6.53
N TRP A 226 14.92 -23.93 -6.51
CA TRP A 226 14.14 -23.21 -5.52
C TRP A 226 12.63 -23.35 -5.71
N ILE A 227 12.21 -23.65 -6.94
CA ILE A 227 10.79 -23.76 -7.25
C ILE A 227 10.13 -24.93 -6.51
N LYS A 228 8.96 -24.65 -5.94
CA LYS A 228 8.18 -25.66 -5.23
C LYS A 228 7.53 -26.53 -6.30
N PRO A 229 7.71 -27.85 -6.22
CA PRO A 229 7.12 -28.77 -7.19
C PRO A 229 5.62 -28.51 -7.37
N GLY A 230 5.23 -28.27 -8.62
CA GLY A 230 3.84 -28.01 -8.93
C GLY A 230 3.42 -26.55 -8.83
N ALA A 231 4.39 -25.65 -8.67
CA ALA A 231 4.10 -24.23 -8.54
C ALA A 231 3.75 -23.54 -9.86
N ILE A 232 3.10 -22.39 -9.73
CA ILE A 232 2.73 -21.57 -10.88
C ILE A 232 3.80 -20.48 -10.91
N VAL A 233 4.61 -20.45 -11.96
CA VAL A 233 5.69 -19.46 -12.04
C VAL A 233 5.43 -18.38 -13.07
N ILE A 234 5.37 -17.14 -12.57
CA ILE A 234 5.14 -15.98 -13.42
C ILE A 234 6.45 -15.22 -13.46
N ASP A 235 6.98 -15.02 -14.66
CA ASP A 235 8.25 -14.35 -14.87
C ASP A 235 8.10 -13.03 -15.63
N CYS A 236 8.25 -11.91 -14.94
CA CYS A 236 8.13 -10.58 -15.55
C CYS A 236 9.42 -10.08 -16.17
N GLY A 237 10.52 -10.78 -15.91
CA GLY A 237 11.81 -10.35 -16.44
C GLY A 237 12.02 -10.23 -17.93
N ILE A 238 12.71 -9.16 -18.30
CA ILE A 238 13.10 -8.84 -19.69
C ILE A 238 14.58 -8.46 -19.61
N ASN A 239 15.46 -9.44 -19.78
CA ASN A 239 16.91 -9.21 -19.68
C ASN A 239 17.68 -9.56 -20.95
N TYR A 240 18.74 -8.79 -21.23
CA TYR A 240 19.59 -9.01 -22.40
C TYR A 240 20.95 -9.58 -21.99
N LYS A 251 20.75 -12.47 -26.13
CA LYS A 251 19.46 -13.15 -26.16
C LYS A 251 18.63 -12.61 -25.00
N VAL A 252 17.30 -12.65 -25.15
CA VAL A 252 16.39 -12.18 -24.11
C VAL A 252 16.06 -13.35 -23.18
N VAL A 253 16.13 -13.10 -21.88
CA VAL A 253 15.83 -14.12 -20.88
C VAL A 253 15.04 -13.49 -19.75
N GLY A 254 14.38 -14.33 -18.94
CA GLY A 254 13.61 -13.83 -17.82
C GLY A 254 14.42 -13.80 -16.54
N ASP A 255 13.74 -13.56 -15.42
CA ASP A 255 14.42 -13.51 -14.13
C ASP A 255 14.49 -14.90 -13.52
N VAL A 256 13.93 -15.87 -14.23
CA VAL A 256 13.91 -17.26 -13.78
C VAL A 256 14.65 -18.17 -14.75
N ALA A 257 15.41 -19.12 -14.22
CA ALA A 257 16.13 -20.09 -15.04
C ALA A 257 15.06 -21.05 -15.55
N TYR A 258 14.52 -20.72 -16.73
CA TYR A 258 13.42 -21.48 -17.36
C TYR A 258 13.57 -22.97 -17.57
N ASP A 259 14.67 -23.40 -18.19
CA ASP A 259 14.87 -24.83 -18.43
C ASP A 259 14.77 -25.70 -17.18
N GLU A 260 15.29 -25.19 -16.08
CA GLU A 260 15.28 -25.91 -14.81
C GLU A 260 13.93 -25.80 -14.10
N ALA A 261 13.41 -24.59 -14.03
CA ALA A 261 12.14 -24.31 -13.37
C ALA A 261 10.95 -25.00 -14.04
N LYS A 262 11.04 -25.24 -15.35
CA LYS A 262 9.96 -25.90 -16.09
C LYS A 262 9.77 -27.37 -15.71
N GLU A 263 10.83 -27.98 -15.16
CA GLU A 263 10.76 -29.39 -14.75
C GLU A 263 10.24 -29.51 -13.32
N ARG A 264 10.04 -28.38 -12.65
CA ARG A 264 9.51 -28.37 -11.28
C ARG A 264 8.12 -27.76 -11.20
N ALA A 265 7.88 -26.69 -11.97
CA ALA A 265 6.59 -26.01 -11.97
C ALA A 265 5.49 -26.79 -12.66
N SER A 266 4.25 -26.43 -12.37
CA SER A 266 3.09 -27.06 -13.00
C SER A 266 2.67 -26.16 -14.16
N PHE A 267 2.85 -24.86 -13.96
CA PHE A 267 2.53 -23.84 -14.95
C PHE A 267 3.64 -22.78 -14.93
N ILE A 268 4.08 -22.35 -16.10
CA ILE A 268 5.16 -21.35 -16.17
C ILE A 268 5.04 -20.43 -17.39
N THR A 269 5.43 -19.18 -17.20
CA THR A 269 5.40 -18.19 -18.28
C THR A 269 6.76 -18.12 -18.99
N PRO A 270 6.76 -18.26 -20.32
CA PRO A 270 8.04 -18.20 -21.06
C PRO A 270 8.45 -16.74 -21.32
N VAL A 271 9.69 -16.56 -21.76
CA VAL A 271 10.23 -15.24 -22.06
C VAL A 271 11.07 -15.35 -23.35
N PRO A 272 10.67 -14.62 -24.41
CA PRO A 272 9.52 -13.72 -24.49
C PRO A 272 8.20 -14.46 -24.72
N GLY A 273 7.12 -13.70 -24.97
CA GLY A 273 5.83 -14.31 -25.22
C GLY A 273 5.06 -14.75 -23.99
N GLY A 274 5.39 -14.15 -22.85
CA GLY A 274 4.72 -14.48 -21.59
C GLY A 274 4.01 -13.30 -21.00
N VAL A 275 4.65 -12.64 -20.02
CA VAL A 275 4.08 -11.47 -19.36
C VAL A 275 4.03 -10.21 -20.23
N GLY A 276 5.02 -10.06 -21.12
CA GLY A 276 5.08 -8.91 -21.99
C GLY A 276 3.82 -8.57 -22.77
N PRO A 277 3.30 -9.51 -23.57
CA PRO A 277 2.09 -9.29 -24.36
C PRO A 277 0.86 -8.98 -23.49
N MET A 278 0.73 -9.70 -22.38
CA MET A 278 -0.38 -9.53 -21.45
C MET A 278 -0.43 -8.14 -20.86
N THR A 279 0.75 -7.55 -20.69
CA THR A 279 0.89 -6.21 -20.14
C THR A 279 0.25 -5.14 -21.05
N VAL A 280 0.45 -5.27 -22.36
CA VAL A 280 -0.13 -4.31 -23.30
C VAL A 280 -1.63 -4.53 -23.46
N ALA A 281 -2.06 -5.79 -23.42
CA ALA A 281 -3.47 -6.14 -23.52
C ALA A 281 -4.23 -5.52 -22.36
N MET A 282 -3.64 -5.60 -21.16
CA MET A 282 -4.26 -5.04 -19.99
C MET A 282 -4.30 -3.52 -20.03
N LEU A 283 -3.29 -2.89 -20.64
CA LEU A 283 -3.26 -1.44 -20.76
C LEU A 283 -4.42 -1.01 -21.66
N MET A 284 -4.65 -1.78 -22.71
CA MET A 284 -5.74 -1.50 -23.65
C MET A 284 -7.07 -1.69 -22.94
N GLN A 285 -7.14 -2.70 -22.09
CA GLN A 285 -8.34 -2.98 -21.34
C GLN A 285 -8.67 -1.83 -20.37
N SER A 286 -7.64 -1.27 -19.74
CA SER A 286 -7.85 -0.16 -18.81
C SER A 286 -8.26 1.08 -19.59
N THR A 287 -7.75 1.21 -20.82
CA THR A 287 -8.07 2.34 -21.67
C THR A 287 -9.52 2.27 -22.14
N VAL A 288 -9.95 1.09 -22.58
CA VAL A 288 -11.34 0.91 -23.04
C VAL A 288 -12.27 1.15 -21.86
N GLU A 289 -11.78 0.84 -20.66
CA GLU A 289 -12.54 1.03 -19.43
C GLU A 289 -12.70 2.51 -19.13
N SER A 290 -11.63 3.29 -19.28
CA SER A 290 -11.67 4.72 -19.01
C SER A 290 -12.53 5.47 -20.01
N ALA A 291 -12.73 4.88 -21.19
CA ALA A 291 -13.55 5.48 -22.24
C ALA A 291 -15.02 5.15 -21.94
N LYS A 292 -15.25 3.98 -21.36
CA LYS A 292 -16.59 3.54 -21.01
C LYS A 292 -17.10 4.19 -19.72
N ARG A 293 -16.18 4.58 -18.83
CA ARG A 293 -16.59 5.24 -17.59
C ARG A 293 -16.93 6.70 -17.90
N PHE A 294 -16.41 7.19 -19.02
CA PHE A 294 -16.65 8.56 -19.48
C PHE A 294 -18.04 8.68 -20.09
N LEU A 295 -18.45 7.68 -20.86
CA LEU A 295 -19.78 7.69 -21.47
C LEU A 295 -20.87 7.47 -20.42
N GLU A 296 -20.52 6.80 -19.33
CA GLU A 296 -21.46 6.54 -18.24
C GLU A 296 -21.50 7.76 -17.29
N ALA B 2 14.76 -18.46 30.60
CA ALA B 2 15.05 -17.23 29.83
C ALA B 2 13.78 -16.69 29.20
N PRO B 3 12.88 -16.15 30.03
CA PRO B 3 11.62 -15.60 29.51
C PRO B 3 11.82 -14.28 28.75
N ALA B 4 10.91 -13.99 27.83
CA ALA B 4 10.98 -12.77 27.02
C ALA B 4 11.06 -11.50 27.84
N GLU B 5 11.80 -10.52 27.31
CA GLU B 5 11.93 -9.24 27.96
C GLU B 5 10.61 -8.53 27.63
N ILE B 6 10.11 -7.74 28.57
CA ILE B 6 8.86 -7.01 28.39
C ILE B 6 9.04 -5.61 27.81
N LEU B 7 8.27 -5.30 26.77
CA LEU B 7 8.31 -3.98 26.13
C LEU B 7 7.23 -3.13 26.77
N ASN B 8 7.65 -2.31 27.74
CA ASN B 8 6.74 -1.44 28.48
C ASN B 8 6.28 -0.22 27.69
N GLY B 9 5.12 -0.35 27.04
CA GLY B 9 4.56 0.73 26.24
C GLY B 9 4.23 1.99 27.01
N LYS B 10 3.83 1.83 28.27
CA LYS B 10 3.49 2.96 29.13
C LYS B 10 4.71 3.85 29.41
N GLU B 11 5.86 3.21 29.69
CA GLU B 11 7.12 3.89 29.97
C GLU B 11 7.76 4.49 28.73
N ILE B 12 7.80 3.71 27.65
CA ILE B 12 8.36 4.15 26.39
C ILE B 12 7.58 5.32 25.83
N SER B 13 6.26 5.30 25.99
CA SER B 13 5.42 6.38 25.48
C SER B 13 5.60 7.64 26.31
N ALA B 14 5.84 7.48 27.61
CA ALA B 14 6.05 8.61 28.50
C ALA B 14 7.34 9.30 28.06
N GLN B 15 8.33 8.51 27.68
CA GLN B 15 9.63 9.03 27.23
C GLN B 15 9.42 9.82 25.94
N ILE B 16 8.69 9.23 25.01
CA ILE B 16 8.40 9.86 23.73
C ILE B 16 7.71 11.20 23.91
N ARG B 17 6.63 11.22 24.69
CA ARG B 17 5.90 12.47 24.93
C ARG B 17 6.75 13.57 25.60
N ALA B 18 7.63 13.16 26.50
CA ALA B 18 8.52 14.10 27.20
C ALA B 18 9.51 14.72 26.23
N ARG B 19 10.06 13.91 25.33
CA ARG B 19 11.00 14.37 24.31
C ARG B 19 10.32 15.31 23.31
N LEU B 20 9.08 14.99 22.95
CA LEU B 20 8.32 15.81 22.01
C LEU B 20 8.02 17.18 22.63
N LYS B 21 7.80 17.21 23.94
CA LYS B 21 7.54 18.45 24.64
C LYS B 21 8.79 19.32 24.50
N ASN B 22 9.95 18.73 24.75
CA ASN B 22 11.23 19.43 24.63
C ASN B 22 11.46 19.96 23.20
N GLN B 23 11.13 19.14 22.21
CA GLN B 23 11.28 19.54 20.81
C GLN B 23 10.38 20.72 20.52
N VAL B 24 9.13 20.63 20.93
CA VAL B 24 8.16 21.69 20.71
C VAL B 24 8.60 23.00 21.37
N THR B 25 9.17 22.89 22.57
CA THR B 25 9.67 24.06 23.30
C THR B 25 10.79 24.73 22.50
N GLN B 26 11.69 23.91 21.95
CA GLN B 26 12.81 24.40 21.17
C GLN B 26 12.44 24.97 19.80
N LEU B 27 11.37 24.44 19.19
CA LEU B 27 10.92 24.93 17.89
C LEU B 27 10.38 26.36 18.04
N LYS B 28 9.64 26.57 19.12
CA LYS B 28 9.04 27.86 19.41
C LYS B 28 10.09 28.90 19.76
N GLU B 29 11.17 28.47 20.40
CA GLU B 29 12.24 29.39 20.76
C GLU B 29 13.16 29.67 19.57
N GLN B 30 13.30 28.69 18.67
CA GLN B 30 14.12 28.85 17.49
C GLN B 30 13.42 29.71 16.43
N VAL B 31 12.08 29.69 16.44
CA VAL B 31 11.28 30.46 15.49
C VAL B 31 10.12 31.10 16.24
N PRO B 32 10.37 32.24 16.90
CA PRO B 32 9.40 33.00 17.69
C PRO B 32 8.08 33.27 16.98
N GLY B 33 7.00 32.80 17.60
CA GLY B 33 5.68 32.99 17.02
C GLY B 33 5.11 31.70 16.48
N PHE B 34 5.98 30.74 16.15
CA PHE B 34 5.54 29.46 15.61
C PHE B 34 4.77 28.69 16.67
N THR B 35 3.61 28.19 16.28
CA THR B 35 2.73 27.46 17.18
C THR B 35 2.23 26.16 16.56
N PRO B 36 2.88 25.01 16.86
CA PRO B 36 2.43 23.72 16.29
C PRO B 36 0.94 23.58 16.64
N ARG B 37 0.11 23.38 15.62
CA ARG B 37 -1.33 23.29 15.86
C ARG B 37 -2.04 22.07 15.27
N LEU B 38 -2.85 21.44 16.13
CA LEU B 38 -3.63 20.27 15.75
C LEU B 38 -5.11 20.62 15.87
N ALA B 39 -5.92 19.98 15.05
CA ALA B 39 -7.36 20.20 15.10
C ALA B 39 -8.03 18.84 14.98
N ILE B 40 -9.08 18.64 15.75
CA ILE B 40 -9.85 17.38 15.72
C ILE B 40 -11.28 17.75 15.37
N LEU B 41 -11.80 17.18 14.30
CA LEU B 41 -13.17 17.44 13.88
C LEU B 41 -14.08 16.29 14.29
N GLN B 42 -15.07 16.62 15.11
CA GLN B 42 -16.02 15.64 15.59
C GLN B 42 -17.42 15.93 15.09
N VAL B 43 -18.17 14.89 14.76
CA VAL B 43 -19.55 15.03 14.33
C VAL B 43 -20.39 14.21 15.30
N GLY B 44 -21.30 14.87 16.00
CA GLY B 44 -22.15 14.19 16.95
C GLY B 44 -21.67 14.36 18.38
N ASN B 45 -22.10 13.46 19.26
CA ASN B 45 -21.73 13.55 20.66
C ASN B 45 -21.54 12.20 21.36
N ARG B 46 -20.93 11.24 20.66
CA ARG B 46 -20.71 9.91 21.23
C ARG B 46 -19.90 10.03 22.52
N ASP B 47 -20.24 9.21 23.51
CA ASP B 47 -19.55 9.22 24.79
C ASP B 47 -18.10 8.74 24.65
N ASP B 48 -17.89 7.69 23.88
CA ASP B 48 -16.54 7.17 23.68
C ASP B 48 -15.64 8.17 22.97
N SER B 49 -16.18 8.85 21.95
CA SER B 49 -15.43 9.84 21.19
C SER B 49 -15.03 11.01 22.09
N ASN B 50 -15.95 11.45 22.94
CA ASN B 50 -15.67 12.54 23.86
C ASN B 50 -14.47 12.17 24.73
N LEU B 51 -14.44 10.92 25.18
CA LEU B 51 -13.33 10.43 26.01
C LEU B 51 -12.01 10.38 25.26
N TYR B 52 -12.02 9.75 24.08
CA TYR B 52 -10.80 9.65 23.27
C TYR B 52 -10.29 11.05 22.94
N ILE B 53 -11.19 11.94 22.51
CA ILE B 53 -10.81 13.29 22.15
C ILE B 53 -10.18 14.06 23.30
N ASN B 54 -10.81 13.99 24.46
CA ASN B 54 -10.28 14.69 25.62
C ASN B 54 -8.86 14.21 25.98
N VAL B 55 -8.57 12.94 25.68
CA VAL B 55 -7.24 12.36 25.97
C VAL B 55 -6.20 12.91 24.98
N LYS B 56 -6.60 13.05 23.72
CA LYS B 56 -5.72 13.57 22.68
C LYS B 56 -5.41 15.06 22.95
N LEU B 57 -6.45 15.83 23.23
CA LEU B 57 -6.30 17.26 23.53
C LEU B 57 -5.41 17.51 24.75
N LYS B 58 -5.59 16.68 25.77
CA LYS B 58 -4.82 16.79 26.99
C LYS B 58 -3.32 16.54 26.71
N ALA B 59 -3.03 15.48 25.96
CA ALA B 59 -1.64 15.14 25.61
C ALA B 59 -1.01 16.24 24.75
N ALA B 60 -1.83 16.84 23.89
CA ALA B 60 -1.37 17.90 23.02
C ALA B 60 -1.00 19.15 23.83
N GLU B 61 -1.88 19.54 24.75
CA GLU B 61 -1.61 20.72 25.57
C GLU B 61 -0.36 20.60 26.44
N GLU B 62 -0.07 19.40 26.94
CA GLU B 62 1.11 19.17 27.78
C GLU B 62 2.40 19.27 26.98
N ILE B 63 2.36 18.86 25.72
CA ILE B 63 3.52 18.92 24.85
C ILE B 63 3.72 20.34 24.31
N GLY B 64 2.69 21.17 24.43
CA GLY B 64 2.79 22.54 23.95
C GLY B 64 2.15 22.75 22.59
N ILE B 65 1.45 21.73 22.10
CA ILE B 65 0.76 21.79 20.80
C ILE B 65 -0.61 22.43 21.03
N LYS B 66 -0.97 23.42 20.22
CA LYS B 66 -2.28 24.05 20.36
C LYS B 66 -3.30 23.13 19.69
N ALA B 67 -4.18 22.56 20.51
CA ALA B 67 -5.21 21.64 20.02
C ALA B 67 -6.59 22.28 19.95
N THR B 68 -7.19 22.24 18.75
CA THR B 68 -8.52 22.81 18.53
C THR B 68 -9.56 21.72 18.33
N HIS B 69 -10.63 21.77 19.13
CA HIS B 69 -11.70 20.79 19.00
C HIS B 69 -12.96 21.41 18.41
N ILE B 70 -13.35 20.91 17.24
CA ILE B 70 -14.55 21.38 16.56
C ILE B 70 -15.60 20.28 16.67
N LYS B 71 -16.65 20.54 17.45
CA LYS B 71 -17.73 19.57 17.67
C LYS B 71 -19.04 19.98 16.96
N LEU B 72 -19.37 19.28 15.88
CA LEU B 72 -20.58 19.55 15.11
C LEU B 72 -21.75 18.70 15.60
N PRO B 73 -22.99 19.23 15.56
CA PRO B 73 -24.19 18.51 16.01
C PRO B 73 -24.60 17.33 15.11
N ARG B 74 -25.45 16.44 15.66
CA ARG B 74 -25.94 15.27 14.94
C ARG B 74 -26.70 15.65 13.68
N THR B 75 -27.27 16.85 13.69
CA THR B 75 -28.04 17.37 12.57
C THR B 75 -27.18 17.78 11.38
N THR B 76 -25.86 17.77 11.55
CA THR B 76 -24.94 18.15 10.49
C THR B 76 -25.11 17.26 9.27
N THR B 77 -24.96 17.87 8.10
CA THR B 77 -25.09 17.16 6.83
C THR B 77 -23.69 16.94 6.27
N GLU B 78 -23.60 16.14 5.22
CA GLU B 78 -22.31 15.84 4.59
C GLU B 78 -21.64 17.08 3.98
N SER B 79 -22.41 17.93 3.31
CA SER B 79 -21.84 19.12 2.71
C SER B 79 -21.22 20.05 3.76
N GLU B 80 -21.78 20.08 4.97
CA GLU B 80 -21.24 20.92 6.03
C GLU B 80 -19.90 20.36 6.54
N VAL B 81 -19.87 19.05 6.78
CA VAL B 81 -18.64 18.39 7.23
C VAL B 81 -17.56 18.67 6.18
N MET B 82 -17.94 18.58 4.91
CA MET B 82 -17.01 18.83 3.81
C MET B 82 -16.48 20.26 3.81
N LYS B 83 -17.36 21.21 4.16
CA LYS B 83 -16.99 22.62 4.21
C LYS B 83 -15.91 22.86 5.26
N TYR B 84 -16.05 22.21 6.41
CA TYR B 84 -15.08 22.32 7.48
C TYR B 84 -13.74 21.72 7.10
N ILE B 85 -13.77 20.58 6.43
CA ILE B 85 -12.53 19.94 6.02
C ILE B 85 -11.78 20.84 5.04
N THR B 86 -12.51 21.46 4.13
CA THR B 86 -11.92 22.36 3.16
C THR B 86 -11.35 23.60 3.85
N SER B 87 -12.03 24.06 4.91
CA SER B 87 -11.55 25.24 5.63
C SER B 87 -10.31 24.90 6.45
N LEU B 88 -10.28 23.70 7.03
CA LEU B 88 -9.13 23.27 7.82
C LEU B 88 -7.91 23.10 6.91
N ASN B 89 -8.14 22.58 5.70
CA ASN B 89 -7.07 22.40 4.72
C ASN B 89 -6.44 23.75 4.40
N GLU B 90 -7.30 24.74 4.16
CA GLU B 90 -6.91 26.11 3.81
C GLU B 90 -6.29 26.95 4.94
N ASP B 91 -6.64 26.62 6.18
CA ASP B 91 -6.14 27.34 7.33
C ASP B 91 -4.64 27.11 7.53
N SER B 92 -3.82 28.10 7.14
CA SER B 92 -2.38 27.98 7.26
C SER B 92 -1.84 27.92 8.69
N THR B 93 -2.70 28.12 9.67
CA THR B 93 -2.26 28.06 11.06
C THR B 93 -2.40 26.63 11.61
N VAL B 94 -3.17 25.80 10.92
CA VAL B 94 -3.38 24.40 11.30
C VAL B 94 -2.38 23.56 10.51
N HIS B 95 -1.53 22.82 11.21
CA HIS B 95 -0.52 21.98 10.57
C HIS B 95 -0.99 20.56 10.31
N GLY B 96 -1.90 20.09 11.16
CA GLY B 96 -2.42 18.75 11.01
C GLY B 96 -3.75 18.62 11.70
N PHE B 97 -4.67 17.86 11.11
CA PHE B 97 -5.96 17.67 11.72
C PHE B 97 -6.50 16.27 11.43
N LEU B 98 -7.57 15.90 12.13
CA LEU B 98 -8.16 14.59 11.95
C LEU B 98 -9.66 14.62 12.16
N VAL B 99 -10.35 13.68 11.54
CA VAL B 99 -11.79 13.56 11.69
C VAL B 99 -11.97 12.35 12.61
N GLN B 100 -12.57 12.58 13.78
CA GLN B 100 -12.79 11.51 14.74
C GLN B 100 -13.90 10.59 14.25
N LEU B 101 -13.61 9.29 14.21
CA LEU B 101 -14.57 8.30 13.75
C LEU B 101 -15.07 7.40 14.86
N PRO B 102 -16.29 6.84 14.72
CA PRO B 102 -17.20 7.02 13.59
C PRO B 102 -18.03 8.30 13.74
N LEU B 103 -18.48 8.86 12.62
CA LEU B 103 -19.30 10.07 12.64
C LEU B 103 -20.65 9.79 13.28
N ASP B 104 -21.19 10.76 14.00
CA ASP B 104 -22.49 10.60 14.66
C ASP B 104 -23.46 11.65 14.13
N SER B 105 -24.21 11.28 13.10
CA SER B 105 -25.17 12.18 12.49
C SER B 105 -26.46 11.46 12.14
N GLU B 106 -27.57 12.20 12.17
CA GLU B 106 -28.87 11.65 11.85
C GLU B 106 -28.99 11.44 10.34
N ASN B 107 -28.15 12.13 9.57
CA ASN B 107 -28.12 12.02 8.12
C ASN B 107 -27.06 11.03 7.61
N SER B 108 -27.18 10.65 6.35
CA SER B 108 -26.21 9.74 5.75
C SER B 108 -25.00 10.54 5.30
N ILE B 109 -23.82 10.09 5.71
CA ILE B 109 -22.56 10.74 5.37
C ILE B 109 -21.54 9.69 4.92
N ASN B 110 -21.02 9.86 3.71
CA ASN B 110 -20.02 8.96 3.14
C ASN B 110 -18.69 9.19 3.84
N THR B 111 -18.39 8.34 4.81
CA THR B 111 -17.15 8.43 5.58
C THR B 111 -15.89 8.45 4.74
N GLU B 112 -15.84 7.64 3.69
CA GLU B 112 -14.66 7.59 2.83
C GLU B 112 -14.39 8.87 2.04
N GLU B 113 -15.45 9.53 1.58
CA GLU B 113 -15.29 10.78 0.84
C GLU B 113 -14.82 11.89 1.76
N VAL B 114 -15.32 11.86 2.99
CA VAL B 114 -14.94 12.84 4.02
C VAL B 114 -13.45 12.72 4.30
N ILE B 115 -13.02 11.53 4.69
CA ILE B 115 -11.62 11.25 4.98
C ILE B 115 -10.70 11.64 3.83
N ASN B 116 -11.10 11.31 2.61
CA ASN B 116 -10.31 11.60 1.42
C ASN B 116 -10.30 13.02 0.92
N ALA B 117 -11.00 13.90 1.63
CA ALA B 117 -11.01 15.32 1.26
C ALA B 117 -9.92 16.01 2.07
N ILE B 118 -9.35 15.29 3.04
CA ILE B 118 -8.29 15.82 3.89
C ILE B 118 -7.01 15.98 3.06
N ALA B 119 -6.41 17.16 3.14
CA ALA B 119 -5.18 17.45 2.41
C ALA B 119 -4.13 16.48 2.93
N PRO B 120 -3.50 15.71 2.03
CA PRO B 120 -2.48 14.73 2.39
C PRO B 120 -1.38 15.23 3.33
N GLU B 121 -1.01 16.51 3.18
CA GLU B 121 0.04 17.08 4.02
C GLU B 121 -0.40 17.40 5.44
N LYS B 122 -1.68 17.23 5.74
CA LYS B 122 -2.20 17.51 7.08
C LYS B 122 -2.86 16.29 7.73
N ASP B 123 -2.90 15.20 6.97
CA ASP B 123 -3.50 13.93 7.38
C ASP B 123 -2.71 13.18 8.47
N VAL B 124 -2.66 13.73 9.68
CA VAL B 124 -1.90 13.11 10.78
C VAL B 124 -2.29 11.68 11.16
N ASP B 125 -3.53 11.28 10.93
CA ASP B 125 -3.97 9.91 11.22
C ASP B 125 -3.53 8.96 10.09
N GLY B 126 -3.04 9.55 9.00
CA GLY B 126 -2.56 8.80 7.84
C GLY B 126 -3.48 7.81 7.15
N LEU B 127 -4.78 8.08 7.14
CA LEU B 127 -5.73 7.18 6.50
C LEU B 127 -6.23 7.55 5.10
N THR B 128 -5.90 8.73 4.61
CA THR B 128 -6.32 9.10 3.26
C THR B 128 -5.68 8.11 2.28
N SER B 129 -6.32 7.89 1.13
CA SER B 129 -5.80 6.99 0.12
C SER B 129 -4.45 7.45 -0.42
N ILE B 130 -4.30 8.77 -0.60
CA ILE B 130 -3.05 9.36 -1.10
C ILE B 130 -1.89 9.05 -0.16
N ASN B 131 -2.15 9.17 1.14
CA ASN B 131 -1.13 8.90 2.13
C ASN B 131 -0.85 7.40 2.21
N ALA B 132 -1.91 6.59 2.16
CA ALA B 132 -1.78 5.14 2.19
C ALA B 132 -0.97 4.70 0.95
N GLY B 133 -1.20 5.40 -0.16
CA GLY B 133 -0.52 5.12 -1.41
C GLY B 133 0.97 5.42 -1.37
N ARG B 134 1.35 6.46 -0.63
CA ARG B 134 2.74 6.85 -0.47
C ARG B 134 3.46 5.88 0.47
N LEU B 135 2.83 5.57 1.60
CA LEU B 135 3.39 4.64 2.56
C LEU B 135 3.57 3.25 1.97
N ALA B 136 2.61 2.81 1.15
CA ALA B 136 2.67 1.49 0.55
C ALA B 136 3.76 1.37 -0.50
N ARG B 137 4.12 2.48 -1.13
CA ARG B 137 5.15 2.48 -2.15
C ARG B 137 6.52 2.98 -1.67
N GLY B 138 6.68 3.13 -0.36
CA GLY B 138 7.95 3.54 0.18
C GLY B 138 8.32 4.98 0.43
N ASP B 139 7.36 5.91 0.40
CA ASP B 139 7.68 7.32 0.66
C ASP B 139 7.64 7.60 2.15
N LEU B 140 8.37 6.80 2.91
CA LEU B 140 8.44 6.90 4.36
C LEU B 140 9.08 8.19 4.89
N ASN B 141 9.86 8.89 4.05
CA ASN B 141 10.52 10.11 4.51
C ASN B 141 9.58 11.27 4.83
N ASP B 142 8.41 11.32 4.21
CA ASP B 142 7.49 12.43 4.49
C ASP B 142 5.99 12.13 4.68
N CYS B 143 5.53 10.96 4.25
CA CYS B 143 4.11 10.61 4.43
C CYS B 143 3.80 10.45 5.93
N PHE B 144 2.52 10.29 6.25
CA PHE B 144 2.11 10.09 7.62
C PHE B 144 1.85 8.61 7.83
N ILE B 145 2.04 8.17 9.07
CA ILE B 145 1.85 6.76 9.42
C ILE B 145 0.77 6.60 10.49
N PRO B 146 -0.25 5.76 10.23
CA PRO B 146 -1.33 5.54 11.20
C PRO B 146 -0.76 5.25 12.59
N CYS B 147 -1.33 5.88 13.61
CA CYS B 147 -0.84 5.76 14.98
C CYS B 147 -0.55 4.37 15.56
N THR B 148 -1.35 3.36 15.24
CA THR B 148 -1.12 2.02 15.77
C THR B 148 0.11 1.32 15.18
N PRO B 149 0.19 1.18 13.83
CA PRO B 149 1.39 0.52 13.30
C PRO B 149 2.67 1.34 13.52
N LYS B 150 2.53 2.65 13.65
CA LYS B 150 3.69 3.51 13.92
C LYS B 150 4.23 3.20 15.32
N GLY B 151 3.31 2.93 16.25
CA GLY B 151 3.69 2.60 17.61
C GLY B 151 4.33 1.22 17.69
N CYS B 152 3.90 0.32 16.79
CA CYS B 152 4.44 -1.04 16.71
C CYS B 152 5.88 -1.05 16.22
N LEU B 153 6.18 -0.26 15.19
CA LEU B 153 7.54 -0.18 14.66
C LEU B 153 8.48 0.41 15.72
N GLU B 154 7.98 1.38 16.47
CA GLU B 154 8.74 2.03 17.54
C GLU B 154 9.09 1.02 18.62
N LEU B 155 8.14 0.19 19.00
CA LEU B 155 8.36 -0.84 20.00
C LEU B 155 9.38 -1.88 19.49
N ILE B 156 9.29 -2.22 18.21
CA ILE B 156 10.22 -3.18 17.59
C ILE B 156 11.64 -2.58 17.59
N LYS B 157 11.74 -1.28 17.33
CA LYS B 157 13.04 -0.62 17.32
C LYS B 157 13.64 -0.47 18.72
N GLU B 158 12.78 -0.49 19.74
CA GLU B 158 13.22 -0.37 21.14
C GLU B 158 13.98 -1.60 21.62
N THR B 159 13.92 -2.68 20.85
CA THR B 159 14.61 -3.91 21.21
C THR B 159 16.08 -3.83 20.85
N GLY B 160 16.39 -2.99 19.86
CA GLY B 160 17.76 -2.84 19.42
C GLY B 160 18.15 -3.86 18.36
N VAL B 161 17.23 -4.75 18.01
CA VAL B 161 17.50 -5.77 16.99
C VAL B 161 17.14 -5.21 15.61
N PRO B 162 18.13 -5.19 14.69
CA PRO B 162 17.92 -4.70 13.32
C PRO B 162 16.82 -5.47 12.64
N ILE B 163 15.97 -4.73 11.91
CA ILE B 163 14.83 -5.32 11.20
C ILE B 163 15.22 -5.92 9.85
N ALA B 164 16.09 -5.24 9.09
CA ALA B 164 16.52 -5.71 7.77
C ALA B 164 16.97 -7.16 7.74
N GLY B 165 16.59 -7.87 6.68
CA GLY B 165 16.96 -9.26 6.53
C GLY B 165 16.09 -10.23 7.30
N ARG B 166 15.40 -9.76 8.32
CA ARG B 166 14.55 -10.64 9.11
C ARG B 166 13.19 -10.92 8.48
N HIS B 167 12.59 -12.03 8.87
CA HIS B 167 11.29 -12.41 8.34
C HIS B 167 10.22 -12.00 9.35
N ALA B 168 9.37 -11.05 8.94
CA ALA B 168 8.30 -10.57 9.79
C ALA B 168 6.96 -11.09 9.31
N VAL B 169 6.10 -11.47 10.25
CA VAL B 169 4.76 -11.96 9.92
C VAL B 169 3.74 -11.00 10.52
N VAL B 170 2.80 -10.56 9.70
CA VAL B 170 1.75 -9.66 10.15
C VAL B 170 0.44 -10.41 10.00
N VAL B 171 -0.23 -10.68 11.11
CA VAL B 171 -1.52 -11.37 11.08
C VAL B 171 -2.58 -10.28 11.16
N GLY B 172 -3.27 -10.07 10.03
CA GLY B 172 -4.27 -9.03 9.91
C GLY B 172 -3.85 -8.10 8.79
N ARG B 173 -4.82 -7.57 8.03
CA ARG B 173 -4.52 -6.68 6.91
C ARG B 173 -5.50 -5.52 6.80
N SER B 174 -5.89 -4.94 7.94
CA SER B 174 -6.83 -3.82 7.95
C SER B 174 -6.17 -2.49 7.56
N LYS B 175 -7.00 -1.52 7.18
CA LYS B 175 -6.53 -0.20 6.79
C LYS B 175 -5.88 0.50 7.97
N ILE B 176 -6.44 0.30 9.16
CA ILE B 176 -5.95 0.92 10.40
C ILE B 176 -4.65 0.36 10.93
N VAL B 177 -4.49 -0.97 10.86
CA VAL B 177 -3.31 -1.62 11.40
C VAL B 177 -2.53 -2.51 10.45
N GLY B 178 -3.10 -3.68 10.16
CA GLY B 178 -2.45 -4.67 9.31
C GLY B 178 -1.75 -4.24 8.03
N ALA B 179 -2.47 -3.52 7.17
CA ALA B 179 -1.90 -3.07 5.91
C ALA B 179 -0.72 -2.13 6.13
N PRO B 180 -0.92 -0.96 6.79
CA PRO B 180 0.23 -0.09 6.99
C PRO B 180 1.37 -0.73 7.80
N MET B 181 1.07 -1.76 8.59
CA MET B 181 2.11 -2.42 9.36
C MET B 181 3.03 -3.16 8.40
N HIS B 182 2.45 -3.83 7.41
CA HIS B 182 3.23 -4.52 6.39
C HIS B 182 4.16 -3.51 5.70
N ASP B 183 3.61 -2.33 5.43
CA ASP B 183 4.32 -1.24 4.76
C ASP B 183 5.54 -0.78 5.53
N LEU B 184 5.41 -0.62 6.84
CA LEU B 184 6.53 -0.20 7.67
C LEU B 184 7.60 -1.27 7.67
N LEU B 185 7.18 -2.52 7.87
CA LEU B 185 8.12 -3.62 7.90
C LEU B 185 8.85 -3.83 6.57
N LEU B 186 8.12 -3.74 5.46
CA LEU B 186 8.73 -3.91 4.13
C LEU B 186 9.81 -2.87 3.83
N TRP B 187 9.48 -1.60 4.07
CA TRP B 187 10.41 -0.52 3.79
C TRP B 187 11.54 -0.36 4.80
N ASN B 188 11.51 -1.21 5.82
CA ASN B 188 12.57 -1.24 6.82
C ASN B 188 13.38 -2.51 6.53
N ASN B 189 13.17 -2.99 5.30
CA ASN B 189 13.85 -4.15 4.73
C ASN B 189 13.67 -5.56 5.26
N ALA B 190 12.55 -5.81 5.93
CA ALA B 190 12.26 -7.15 6.40
C ALA B 190 11.52 -7.86 5.27
N THR B 191 11.61 -9.17 5.24
CA THR B 191 10.90 -9.99 4.26
C THR B 191 9.56 -10.22 4.95
N VAL B 192 8.49 -9.68 4.37
CA VAL B 192 7.16 -9.77 4.99
C VAL B 192 6.15 -10.73 4.39
N THR B 193 5.45 -11.43 5.28
CA THR B 193 4.39 -12.37 4.93
C THR B 193 3.13 -11.86 5.61
N THR B 194 2.09 -11.57 4.83
CA THR B 194 0.85 -11.09 5.42
C THR B 194 -0.20 -12.18 5.45
N CYS B 195 -0.74 -12.43 6.65
CA CYS B 195 -1.76 -13.44 6.87
C CYS B 195 -3.12 -12.80 7.18
N HIS B 196 -4.18 -13.59 7.02
CA HIS B 196 -5.54 -13.10 7.27
C HIS B 196 -6.49 -14.28 7.50
N SER B 197 -7.79 -14.01 7.53
CA SER B 197 -8.80 -15.05 7.78
C SER B 197 -8.86 -16.19 6.76
N LYS B 198 -8.24 -16.01 5.59
CA LYS B 198 -8.23 -17.04 4.55
C LYS B 198 -6.88 -17.77 4.48
N THR B 199 -6.00 -17.47 5.43
CA THR B 199 -4.69 -18.11 5.46
C THR B 199 -4.81 -19.53 6.00
N ALA B 200 -4.30 -20.48 5.22
CA ALA B 200 -4.29 -21.90 5.60
C ALA B 200 -3.05 -22.13 6.46
N HIS B 201 -3.16 -23.07 7.41
CA HIS B 201 -2.05 -23.39 8.32
C HIS B 201 -1.40 -22.15 8.91
N LEU B 202 -2.21 -21.30 9.55
CA LEU B 202 -1.74 -20.08 10.17
C LEU B 202 -0.64 -20.30 11.21
N ASP B 203 -0.73 -21.41 11.95
CA ASP B 203 0.26 -21.74 12.96
C ASP B 203 1.65 -21.93 12.38
N GLU B 204 1.71 -22.58 11.23
CA GLU B 204 2.98 -22.85 10.54
C GLU B 204 3.55 -21.55 9.96
N GLU B 205 2.66 -20.63 9.57
CA GLU B 205 3.07 -19.35 9.02
C GLU B 205 3.63 -18.46 10.13
N VAL B 206 2.90 -18.40 11.24
CA VAL B 206 3.29 -17.60 12.40
C VAL B 206 4.64 -18.03 12.94
N ASN B 207 4.88 -19.33 12.89
CA ASN B 207 6.12 -19.91 13.38
C ASN B 207 7.37 -19.52 12.56
N LYS B 208 7.19 -18.86 11.43
CA LYS B 208 8.31 -18.45 10.59
C LYS B 208 8.76 -17.01 10.87
N GLY B 209 8.01 -16.29 11.70
CA GLY B 209 8.33 -14.90 11.98
C GLY B 209 9.27 -14.54 13.12
N ASP B 210 10.37 -13.88 12.78
CA ASP B 210 11.35 -13.40 13.76
C ASP B 210 10.74 -12.19 14.44
N ILE B 211 9.85 -11.53 13.71
CA ILE B 211 9.12 -10.37 14.19
C ILE B 211 7.68 -10.75 13.87
N LEU B 212 6.82 -10.63 14.85
CA LEU B 212 5.42 -10.97 14.67
C LEU B 212 4.51 -9.86 15.16
N VAL B 213 3.66 -9.35 14.28
CA VAL B 213 2.70 -8.33 14.66
C VAL B 213 1.33 -8.94 14.38
N VAL B 214 0.52 -9.07 15.42
CA VAL B 214 -0.82 -9.65 15.31
C VAL B 214 -1.87 -8.58 15.60
N ALA B 215 -2.80 -8.40 14.66
CA ALA B 215 -3.89 -7.43 14.81
C ALA B 215 -5.11 -8.07 14.17
N THR B 216 -5.78 -8.92 14.94
CA THR B 216 -6.93 -9.66 14.43
C THR B 216 -8.27 -9.43 15.15
N GLY B 217 -8.20 -9.12 16.44
CA GLY B 217 -9.42 -8.93 17.20
C GLY B 217 -9.99 -10.26 17.69
N GLN B 218 -9.18 -11.32 17.60
CA GLN B 218 -9.58 -12.66 18.04
C GLN B 218 -8.78 -12.89 19.31
N PRO B 219 -9.42 -12.74 20.48
CA PRO B 219 -8.76 -12.92 21.78
C PRO B 219 -7.93 -14.19 21.98
N GLU B 220 -6.64 -13.97 22.19
CA GLU B 220 -5.66 -15.02 22.44
C GLU B 220 -5.63 -16.19 21.45
N MET B 221 -5.97 -15.94 20.18
CA MET B 221 -5.96 -17.00 19.16
C MET B 221 -4.55 -17.52 18.87
N VAL B 222 -3.57 -16.61 18.76
CA VAL B 222 -2.20 -17.02 18.48
C VAL B 222 -1.57 -17.63 19.73
N LYS B 223 -1.48 -18.95 19.74
CA LYS B 223 -0.94 -19.68 20.88
C LYS B 223 0.58 -19.59 20.96
N GLY B 224 1.11 -19.72 22.18
CA GLY B 224 2.55 -19.64 22.39
C GLY B 224 3.34 -20.65 21.60
N GLU B 225 2.72 -21.80 21.36
CA GLU B 225 3.32 -22.89 20.61
C GLU B 225 3.64 -22.45 19.18
N TRP B 226 2.84 -21.52 18.66
CA TRP B 226 3.01 -21.00 17.30
C TRP B 226 4.23 -20.12 17.16
N ILE B 227 4.56 -19.40 18.23
CA ILE B 227 5.69 -18.47 18.26
C ILE B 227 7.03 -19.11 17.93
N LYS B 228 7.82 -18.42 17.11
CA LYS B 228 9.15 -18.90 16.77
C LYS B 228 10.08 -18.57 17.95
N PRO B 229 10.90 -19.53 18.38
CA PRO B 229 11.82 -19.29 19.51
C PRO B 229 12.74 -18.09 19.29
N GLY B 230 12.62 -17.11 20.19
CA GLY B 230 13.42 -15.89 20.11
C GLY B 230 12.83 -14.76 19.30
N ALA B 231 11.56 -14.88 18.93
CA ALA B 231 10.91 -13.86 18.13
C ALA B 231 10.46 -12.63 18.90
N ILE B 232 10.29 -11.53 18.18
CA ILE B 232 9.79 -10.28 18.75
C ILE B 232 8.29 -10.34 18.47
N VAL B 233 7.49 -10.35 19.52
CA VAL B 233 6.03 -10.43 19.38
C VAL B 233 5.33 -9.12 19.73
N ILE B 234 4.60 -8.57 18.77
CA ILE B 234 3.85 -7.33 18.94
C ILE B 234 2.34 -7.64 18.86
N ASP B 235 1.64 -7.42 19.97
CA ASP B 235 0.23 -7.71 20.07
C ASP B 235 -0.67 -6.47 20.14
N CYS B 236 -1.40 -6.19 19.06
CA CYS B 236 -2.27 -5.02 19.00
C CYS B 236 -3.66 -5.24 19.55
N GLY B 237 -3.94 -6.49 19.93
CA GLY B 237 -5.24 -6.85 20.45
C GLY B 237 -5.71 -6.20 21.74
N ILE B 238 -6.98 -5.83 21.75
CA ILE B 238 -7.64 -5.21 22.90
C ILE B 238 -9.02 -5.87 22.99
N ASN B 239 -9.05 -7.01 23.68
CA ASN B 239 -10.28 -7.78 23.83
C ASN B 239 -10.74 -7.85 25.27
N TYR B 240 -12.03 -7.57 25.48
CA TYR B 240 -12.58 -7.57 26.82
C TYR B 240 -13.17 -8.92 27.24
N VAL B 241 -12.92 -9.28 28.50
CA VAL B 241 -13.38 -10.55 29.07
C VAL B 241 -13.73 -10.30 30.55
N PRO B 242 -14.98 -10.63 30.95
CA PRO B 242 -15.40 -10.44 32.35
C PRO B 242 -14.48 -11.15 33.34
N ASP B 243 -14.18 -10.46 34.44
CA ASP B 243 -13.30 -10.99 35.47
C ASP B 243 -13.57 -10.22 36.77
N ASP B 244 -14.32 -10.84 37.67
CA ASP B 244 -14.66 -10.21 38.93
C ASP B 244 -13.49 -9.98 39.88
N LYS B 245 -12.32 -10.53 39.53
CA LYS B 245 -11.14 -10.35 40.36
C LYS B 245 -10.39 -9.06 40.01
N LYS B 246 -10.93 -8.35 39.01
CA LYS B 246 -10.36 -7.08 38.55
C LYS B 246 -11.18 -5.92 39.12
N PRO B 247 -10.52 -4.78 39.41
CA PRO B 247 -11.20 -3.60 39.95
C PRO B 247 -12.49 -3.19 39.25
N ASN B 248 -12.51 -3.28 37.92
CA ASN B 248 -13.70 -2.89 37.16
C ASN B 248 -14.48 -4.08 36.60
N GLY B 249 -14.20 -5.27 37.12
CA GLY B 249 -14.88 -6.49 36.71
C GLY B 249 -14.65 -6.98 35.29
N ARG B 250 -13.53 -6.58 34.68
CA ARG B 250 -13.21 -6.99 33.32
C ARG B 250 -11.71 -6.90 33.06
N LYS B 251 -11.19 -7.86 32.29
CA LYS B 251 -9.78 -7.86 31.95
C LYS B 251 -9.61 -7.63 30.45
N VAL B 252 -8.40 -7.20 30.08
CA VAL B 252 -8.05 -6.95 28.69
C VAL B 252 -7.00 -7.97 28.33
N VAL B 253 -7.24 -8.70 27.25
CA VAL B 253 -6.30 -9.69 26.75
C VAL B 253 -5.99 -9.34 25.30
N GLY B 254 -4.81 -9.72 24.84
CA GLY B 254 -4.45 -9.44 23.47
C GLY B 254 -4.90 -10.52 22.52
N ASP B 255 -4.34 -10.49 21.31
CA ASP B 255 -4.64 -11.48 20.28
C ASP B 255 -3.63 -12.63 20.37
N VAL B 256 -2.67 -12.49 21.28
CA VAL B 256 -1.64 -13.51 21.50
C VAL B 256 -1.81 -14.05 22.93
N ALA B 257 -1.62 -15.36 23.10
CA ALA B 257 -1.72 -16.01 24.41
C ALA B 257 -0.41 -15.70 25.14
N TYR B 258 -0.41 -14.52 25.75
CA TYR B 258 0.73 -13.98 26.48
C TYR B 258 1.51 -14.94 27.37
N ASP B 259 0.82 -15.55 28.34
CA ASP B 259 1.47 -16.44 29.29
C ASP B 259 2.37 -17.53 28.69
N GLU B 260 1.99 -18.07 27.54
CA GLU B 260 2.78 -19.12 26.87
C GLU B 260 3.73 -18.53 25.81
N ALA B 261 3.34 -17.40 25.23
CA ALA B 261 4.15 -16.72 24.23
C ALA B 261 5.37 -16.04 24.88
N LYS B 262 5.22 -15.58 26.12
CA LYS B 262 6.31 -14.91 26.83
C LYS B 262 7.48 -15.84 27.14
N GLU B 263 7.23 -17.14 27.06
CA GLU B 263 8.26 -18.14 27.33
C GLU B 263 9.07 -18.46 26.08
N ARG B 264 8.52 -18.16 24.90
CA ARG B 264 9.17 -18.44 23.62
C ARG B 264 9.91 -17.27 23.00
N ALA B 265 9.28 -16.10 23.02
CA ALA B 265 9.84 -14.89 22.43
C ALA B 265 10.99 -14.27 23.22
N SER B 266 11.75 -13.40 22.55
CA SER B 266 12.87 -12.69 23.16
C SER B 266 12.38 -11.32 23.66
N PHE B 267 11.32 -10.83 23.01
CA PHE B 267 10.70 -9.55 23.36
C PHE B 267 9.19 -9.67 23.09
N ILE B 268 8.38 -9.19 24.03
CA ILE B 268 6.93 -9.25 23.90
C ILE B 268 6.20 -8.07 24.57
N THR B 269 5.17 -7.60 23.90
CA THR B 269 4.36 -6.50 24.40
C THR B 269 3.20 -7.07 25.21
N PRO B 270 3.06 -6.63 26.48
CA PRO B 270 1.97 -7.12 27.30
C PRO B 270 0.67 -6.42 26.91
N VAL B 271 -0.46 -7.00 27.32
CA VAL B 271 -1.75 -6.41 27.08
C VAL B 271 -2.49 -6.60 28.41
N PRO B 272 -2.91 -5.51 29.06
CA PRO B 272 -2.73 -4.12 28.61
C PRO B 272 -1.34 -3.57 28.92
N GLY B 273 -1.01 -2.41 28.35
CA GLY B 273 0.28 -1.79 28.59
C GLY B 273 1.36 -1.93 27.53
N GLY B 274 1.01 -2.42 26.35
CA GLY B 274 2.00 -2.57 25.30
C GLY B 274 1.83 -1.57 24.18
N VAL B 275 1.04 -1.95 23.18
CA VAL B 275 0.77 -1.10 22.01
C VAL B 275 -0.20 0.05 22.30
N GLY B 276 -1.22 -0.23 23.11
CA GLY B 276 -2.21 0.77 23.46
C GLY B 276 -1.72 2.13 23.92
N PRO B 277 -0.84 2.21 24.95
CA PRO B 277 -0.33 3.49 25.45
C PRO B 277 0.49 4.28 24.42
N MET B 278 0.97 3.58 23.40
CA MET B 278 1.80 4.17 22.36
C MET B 278 1.08 5.04 21.34
N THR B 279 -0.20 4.73 21.08
CA THR B 279 -0.97 5.43 20.05
C THR B 279 -1.14 6.94 20.12
N VAL B 280 -1.52 7.46 21.29
CA VAL B 280 -1.69 8.90 21.42
C VAL B 280 -0.35 9.62 21.24
N ALA B 281 0.73 9.00 21.70
CA ALA B 281 2.07 9.58 21.58
C ALA B 281 2.45 9.64 20.09
N MET B 282 2.09 8.59 19.35
CA MET B 282 2.37 8.55 17.92
C MET B 282 1.64 9.68 17.17
N LEU B 283 0.38 9.93 17.50
CA LEU B 283 -0.39 11.02 16.87
C LEU B 283 0.29 12.35 17.16
N MET B 284 0.81 12.47 18.38
CA MET B 284 1.50 13.68 18.79
C MET B 284 2.81 13.81 18.01
N GLN B 285 3.46 12.69 17.73
CA GLN B 285 4.71 12.71 16.97
C GLN B 285 4.44 13.09 15.51
N SER B 286 3.33 12.60 14.97
CA SER B 286 2.93 12.88 13.60
C SER B 286 2.58 14.36 13.47
N THR B 287 1.96 14.91 14.51
CA THR B 287 1.59 16.32 14.56
C THR B 287 2.84 17.19 14.49
N VAL B 288 3.83 16.87 15.32
CA VAL B 288 5.10 17.61 15.36
C VAL B 288 5.81 17.51 14.00
N GLU B 289 5.78 16.33 13.38
CA GLU B 289 6.40 16.11 12.06
C GLU B 289 5.78 17.05 11.04
N SER B 290 4.45 17.15 11.06
CA SER B 290 3.72 18.00 10.15
C SER B 290 4.12 19.46 10.36
N ALA B 291 4.20 19.86 11.62
CA ALA B 291 4.59 21.22 11.99
C ALA B 291 5.98 21.56 11.45
N LYS B 292 6.92 20.63 11.61
CA LYS B 292 8.30 20.82 11.15
C LYS B 292 8.43 20.88 9.62
N ARG B 293 7.62 20.08 8.91
CA ARG B 293 7.65 20.10 7.45
C ARG B 293 7.04 21.39 6.87
N PHE B 294 6.09 21.98 7.60
CA PHE B 294 5.46 23.23 7.19
C PHE B 294 6.50 24.34 7.43
N LEU B 295 7.07 24.32 8.63
CA LEU B 295 8.10 25.27 9.07
C LEU B 295 9.31 25.31 8.14
N GLU B 296 9.56 24.23 7.43
CA GLU B 296 10.70 24.18 6.51
C GLU B 296 10.31 24.66 5.10
#